data_2MR9
#
_entry.id   2MR9
#
_entity_poly.entity_id   1
_entity_poly.type   'polypeptide(L)'
_entity_poly.pdbx_seq_one_letter_code
;GSATFPEQTIKQLMDLGFPRDAVVKALKQTNGNAEFAASLLFQS
;
_entity_poly.pdbx_strand_id   A
#
# COMPACT_ATOMS: atom_id res chain seq x y z
N GLY A 1 -13.56 5.23 10.99
CA GLY A 1 -12.40 4.35 10.74
C GLY A 1 -11.57 4.83 9.57
N SER A 2 -10.56 5.63 9.85
CA SER A 2 -9.68 6.15 8.82
C SER A 2 -8.65 5.11 8.40
N ALA A 3 -9.08 4.17 7.58
CA ALA A 3 -8.21 3.11 7.10
C ALA A 3 -7.91 3.32 5.63
N THR A 4 -6.84 4.04 5.35
CA THR A 4 -6.43 4.31 3.97
C THR A 4 -5.86 3.07 3.36
N PHE A 5 -5.42 2.24 4.23
CA PHE A 5 -4.73 1.04 3.90
C PHE A 5 -5.56 -0.17 4.25
N PRO A 6 -6.12 -0.79 3.22
CA PRO A 6 -7.02 -1.88 3.32
C PRO A 6 -6.29 -3.20 3.41
N GLU A 7 -6.47 -3.88 4.54
CA GLU A 7 -5.72 -5.06 4.91
C GLU A 7 -5.52 -6.02 3.75
N GLN A 8 -6.59 -6.33 3.03
CA GLN A 8 -6.50 -7.19 1.83
C GLN A 8 -5.30 -6.81 0.97
N THR A 9 -5.32 -5.58 0.50
CA THR A 9 -4.31 -5.08 -0.38
C THR A 9 -2.99 -4.93 0.32
N ILE A 10 -3.05 -4.64 1.60
CA ILE A 10 -1.87 -4.48 2.42
C ILE A 10 -1.06 -5.72 2.33
N LYS A 11 -1.72 -6.81 2.55
CA LYS A 11 -1.13 -8.10 2.51
C LYS A 11 -0.77 -8.47 1.08
N GLN A 12 -1.50 -7.88 0.11
CA GLN A 12 -1.18 -8.06 -1.28
C GLN A 12 0.11 -7.31 -1.66
N LEU A 13 0.37 -6.24 -0.98
CA LEU A 13 1.52 -5.41 -1.27
C LEU A 13 2.69 -5.93 -0.47
N MET A 14 2.41 -6.27 0.78
CA MET A 14 3.30 -7.06 1.58
C MET A 14 3.62 -8.36 0.87
N ASP A 15 2.64 -8.79 0.10
CA ASP A 15 2.76 -9.96 -0.75
C ASP A 15 3.86 -9.77 -1.77
N LEU A 16 4.08 -8.53 -2.24
CA LEU A 16 5.18 -8.30 -3.15
C LEU A 16 6.51 -8.37 -2.40
N GLY A 17 6.42 -8.41 -1.08
CA GLY A 17 7.61 -8.53 -0.25
C GLY A 17 7.90 -7.26 0.54
N PHE A 18 6.91 -6.40 0.68
CA PHE A 18 7.11 -5.10 1.29
C PHE A 18 6.70 -5.08 2.75
N PRO A 19 7.09 -4.01 3.46
CA PRO A 19 6.66 -3.74 4.82
C PRO A 19 5.30 -3.07 4.84
N ARG A 20 4.68 -3.10 5.99
CA ARG A 20 3.36 -2.54 6.17
C ARG A 20 3.46 -1.03 6.02
N ASP A 21 4.59 -0.55 6.44
CA ASP A 21 5.00 0.84 6.27
C ASP A 21 4.88 1.28 4.81
N ALA A 22 5.12 0.34 3.90
CA ALA A 22 5.05 0.64 2.46
C ALA A 22 3.62 0.87 2.01
N VAL A 23 2.67 0.11 2.58
CA VAL A 23 1.27 0.28 2.24
C VAL A 23 0.86 1.66 2.68
N VAL A 24 1.27 2.00 3.83
CA VAL A 24 0.88 3.25 4.39
C VAL A 24 1.52 4.44 3.70
N LYS A 25 2.81 4.40 3.43
CA LYS A 25 3.43 5.52 2.76
C LYS A 25 2.82 5.69 1.37
N ALA A 26 2.64 4.58 0.69
CA ALA A 26 2.29 4.64 -0.71
C ALA A 26 0.82 4.87 -0.88
N LEU A 27 0.02 4.22 -0.07
CA LEU A 27 -1.39 4.34 -0.22
C LEU A 27 -1.78 5.69 0.35
N LYS A 28 -1.07 6.19 1.33
CA LYS A 28 -1.35 7.51 1.85
C LYS A 28 -1.25 8.56 0.75
N GLN A 29 -0.20 8.51 -0.09
CA GLN A 29 -0.05 9.52 -1.11
C GLN A 29 -1.03 9.30 -2.25
N THR A 30 -1.39 8.05 -2.46
CA THR A 30 -2.35 7.66 -3.48
C THR A 30 -3.78 7.59 -2.95
N ASN A 31 -3.90 7.82 -1.65
CA ASN A 31 -5.13 7.59 -0.89
C ASN A 31 -5.66 6.16 -1.03
N GLY A 32 -4.84 5.18 -0.66
CA GLY A 32 -5.30 3.83 -0.47
C GLY A 32 -5.63 3.06 -1.74
N ASN A 33 -5.38 3.56 -2.95
CA ASN A 33 -5.70 2.77 -4.12
C ASN A 33 -4.56 1.79 -4.43
N ALA A 34 -4.85 0.52 -4.20
CA ALA A 34 -3.85 -0.54 -4.08
C ALA A 34 -2.82 -0.58 -5.19
N GLU A 35 -3.26 -0.87 -6.41
CA GLU A 35 -2.38 -1.10 -7.51
C GLU A 35 -1.47 0.06 -7.76
N PHE A 36 -2.06 1.21 -7.62
CA PHE A 36 -1.39 2.47 -7.83
C PHE A 36 -0.32 2.68 -6.79
N ALA A 37 -0.70 2.45 -5.56
CA ALA A 37 0.18 2.71 -4.47
C ALA A 37 1.31 1.69 -4.42
N ALA A 38 1.03 0.47 -4.84
CA ALA A 38 2.06 -0.53 -5.00
C ALA A 38 3.13 -0.02 -5.93
N SER A 39 2.70 0.60 -7.00
CA SER A 39 3.61 1.09 -8.02
C SER A 39 4.30 2.32 -7.48
N LEU A 40 3.70 2.89 -6.45
CA LEU A 40 4.25 3.99 -5.77
C LEU A 40 5.29 3.49 -4.80
N LEU A 41 4.92 2.49 -4.01
CA LEU A 41 5.78 2.01 -2.96
C LEU A 41 7.04 1.45 -3.59
N PHE A 42 6.84 0.97 -4.82
CA PHE A 42 7.90 0.41 -5.63
C PHE A 42 9.12 1.31 -5.66
N GLN A 43 8.89 2.62 -5.44
CA GLN A 43 9.98 3.61 -5.53
C GLN A 43 11.07 3.34 -4.49
N SER A 44 10.67 2.70 -3.41
CA SER A 44 11.60 2.38 -2.33
C SER A 44 11.72 0.88 -2.17
N GLY A 1 -9.92 -2.77 8.96
CA GLY A 1 -9.99 -1.60 9.88
C GLY A 1 -9.41 -0.34 9.26
N SER A 2 -9.67 -0.15 7.97
CA SER A 2 -9.15 1.01 7.25
C SER A 2 -9.70 1.02 5.83
N ALA A 3 -9.75 2.19 5.22
CA ALA A 3 -10.18 2.32 3.84
C ALA A 3 -8.98 2.63 2.94
N THR A 4 -7.95 3.20 3.55
CA THR A 4 -6.74 3.57 2.83
C THR A 4 -5.73 2.45 2.83
N PHE A 5 -5.51 1.98 4.00
CA PHE A 5 -4.51 0.96 4.31
C PHE A 5 -5.10 -0.32 4.98
N PRO A 6 -6.20 -0.86 4.44
CA PRO A 6 -6.86 -2.07 4.91
C PRO A 6 -6.05 -3.34 4.68
N GLU A 7 -6.28 -4.31 5.55
CA GLU A 7 -5.56 -5.56 5.61
C GLU A 7 -5.48 -6.27 4.27
N GLN A 8 -6.53 -6.17 3.46
CA GLN A 8 -6.50 -6.72 2.11
C GLN A 8 -5.32 -6.16 1.35
N THR A 9 -5.32 -4.85 1.23
CA THR A 9 -4.30 -4.14 0.53
C THR A 9 -2.97 -4.27 1.23
N ILE A 10 -3.04 -4.35 2.54
CA ILE A 10 -1.89 -4.60 3.36
C ILE A 10 -1.22 -5.84 2.85
N LYS A 11 -1.94 -6.91 2.85
CA LYS A 11 -1.38 -8.17 2.50
C LYS A 11 -1.04 -8.28 1.05
N GLN A 12 -1.79 -7.60 0.19
CA GLN A 12 -1.50 -7.59 -1.20
C GLN A 12 -0.16 -6.90 -1.48
N LEU A 13 0.07 -5.82 -0.79
CA LEU A 13 1.18 -4.96 -1.07
C LEU A 13 2.38 -5.38 -0.27
N MET A 14 2.12 -5.84 0.94
CA MET A 14 3.12 -6.50 1.71
C MET A 14 3.50 -7.83 1.06
N ASP A 15 2.56 -8.35 0.29
CA ASP A 15 2.78 -9.54 -0.54
C ASP A 15 3.89 -9.29 -1.55
N LEU A 16 3.99 -8.06 -2.05
CA LEU A 16 5.04 -7.65 -2.89
C LEU A 16 6.42 -7.87 -2.24
N GLY A 17 6.40 -8.00 -0.92
CA GLY A 17 7.62 -8.15 -0.15
C GLY A 17 7.83 -6.95 0.74
N PHE A 18 6.87 -6.05 0.67
CA PHE A 18 6.94 -4.77 1.36
C PHE A 18 6.39 -4.85 2.77
N PRO A 19 6.84 -3.95 3.66
CA PRO A 19 6.34 -3.87 5.03
C PRO A 19 5.03 -3.12 5.11
N ARG A 20 4.39 -3.23 6.25
CA ARG A 20 3.11 -2.59 6.49
C ARG A 20 3.23 -1.09 6.31
N ASP A 21 4.35 -0.58 6.78
CA ASP A 21 4.71 0.82 6.64
C ASP A 21 4.66 1.27 5.17
N ALA A 22 4.90 0.32 4.26
CA ALA A 22 4.88 0.61 2.84
C ALA A 22 3.46 0.78 2.32
N VAL A 23 2.49 0.09 2.92
CA VAL A 23 1.11 0.28 2.54
C VAL A 23 0.73 1.69 2.90
N VAL A 24 1.04 2.05 4.09
CA VAL A 24 0.69 3.34 4.59
C VAL A 24 1.36 4.46 3.82
N LYS A 25 2.66 4.40 3.60
CA LYS A 25 3.34 5.44 2.83
C LYS A 25 2.71 5.56 1.45
N ALA A 26 2.43 4.42 0.87
CA ALA A 26 2.05 4.37 -0.53
C ALA A 26 0.62 4.74 -0.71
N LEU A 27 -0.21 4.14 0.11
CA LEU A 27 -1.61 4.38 0.04
C LEU A 27 -1.87 5.78 0.53
N LYS A 28 -0.98 6.29 1.36
CA LYS A 28 -1.05 7.69 1.77
C LYS A 28 -1.05 8.62 0.58
N GLN A 29 -0.05 8.53 -0.31
CA GLN A 29 0.00 9.51 -1.38
C GLN A 29 -1.04 9.22 -2.46
N THR A 30 -1.33 7.95 -2.62
CA THR A 30 -2.33 7.50 -3.57
C THR A 30 -3.74 7.53 -3.00
N ASN A 31 -3.81 7.79 -1.70
CA ASN A 31 -5.05 7.79 -0.93
C ASN A 31 -5.74 6.42 -0.99
N GLY A 32 -5.02 5.38 -0.58
CA GLY A 32 -5.65 4.11 -0.35
C GLY A 32 -5.95 3.26 -1.59
N ASN A 33 -5.63 3.71 -2.82
CA ASN A 33 -5.90 2.85 -3.96
C ASN A 33 -4.68 1.98 -4.27
N ALA A 34 -4.87 0.67 -4.08
CA ALA A 34 -3.77 -0.28 -3.95
C ALA A 34 -2.85 -0.37 -5.14
N GLU A 35 -3.41 -0.47 -6.33
CA GLU A 35 -2.65 -0.67 -7.50
C GLU A 35 -1.67 0.45 -7.70
N PHE A 36 -2.20 1.62 -7.56
CA PHE A 36 -1.47 2.84 -7.66
C PHE A 36 -0.46 2.96 -6.55
N ALA A 37 -0.85 2.49 -5.39
CA ALA A 37 -0.02 2.61 -4.22
C ALA A 37 1.20 1.74 -4.33
N ALA A 38 0.99 0.52 -4.77
CA ALA A 38 2.08 -0.42 -4.98
C ALA A 38 3.07 0.12 -5.97
N SER A 39 2.55 0.68 -7.05
CA SER A 39 3.38 1.09 -8.17
C SER A 39 4.10 2.35 -7.77
N LEU A 40 3.51 3.01 -6.79
CA LEU A 40 4.07 4.19 -6.24
C LEU A 40 5.10 3.79 -5.19
N LEU A 41 4.78 2.81 -4.34
CA LEU A 41 5.66 2.43 -3.28
C LEU A 41 6.92 1.82 -3.87
N PHE A 42 6.73 1.21 -5.04
CA PHE A 42 7.80 0.60 -5.79
C PHE A 42 8.97 1.55 -5.95
N GLN A 43 8.66 2.86 -5.96
CA GLN A 43 9.59 3.89 -6.22
C GLN A 43 10.42 3.56 -7.46
N SER A 44 9.69 3.03 -8.44
CA SER A 44 10.25 2.62 -9.72
C SER A 44 11.44 1.66 -9.54
N GLY A 1 -11.30 6.92 -0.45
CA GLY A 1 -12.39 6.43 0.42
C GLY A 1 -11.93 6.32 1.87
N SER A 2 -12.44 5.31 2.56
CA SER A 2 -12.08 5.09 3.95
C SER A 2 -11.17 3.86 4.07
N ALA A 3 -11.10 3.09 3.01
CA ALA A 3 -10.21 1.94 2.95
C ALA A 3 -8.89 2.33 2.32
N THR A 4 -8.02 2.92 3.13
CA THR A 4 -6.73 3.38 2.65
C THR A 4 -5.67 2.33 2.78
N PHE A 5 -5.50 1.96 3.99
CA PHE A 5 -4.49 1.02 4.43
C PHE A 5 -5.07 -0.23 5.16
N PRO A 6 -6.11 -0.84 4.62
CA PRO A 6 -6.73 -2.06 5.15
C PRO A 6 -5.84 -3.28 5.00
N GLU A 7 -6.00 -4.20 5.93
CA GLU A 7 -5.12 -5.35 6.05
C GLU A 7 -5.07 -6.18 4.77
N GLN A 8 -6.16 -6.17 4.00
CA GLN A 8 -6.18 -6.84 2.70
C GLN A 8 -5.06 -6.30 1.82
N THR A 9 -5.15 -5.01 1.51
CA THR A 9 -4.22 -4.34 0.64
C THR A 9 -2.84 -4.32 1.23
N ILE A 10 -2.81 -4.26 2.54
CA ILE A 10 -1.59 -4.35 3.29
C ILE A 10 -0.87 -5.60 2.87
N LYS A 11 -1.55 -6.71 3.00
CA LYS A 11 -1.00 -8.00 2.69
C LYS A 11 -0.69 -8.12 1.21
N GLN A 12 -1.43 -7.43 0.36
CA GLN A 12 -1.12 -7.38 -1.04
C GLN A 12 0.26 -6.76 -1.29
N LEU A 13 0.59 -5.75 -0.52
CA LEU A 13 1.83 -5.05 -0.73
C LEU A 13 2.93 -5.71 0.06
N MET A 14 2.58 -6.17 1.25
CA MET A 14 3.38 -7.12 1.98
C MET A 14 3.73 -8.30 1.06
N ASP A 15 2.78 -8.61 0.20
CA ASP A 15 2.85 -9.71 -0.73
C ASP A 15 3.96 -9.53 -1.75
N LEU A 16 4.19 -8.30 -2.24
CA LEU A 16 5.32 -8.04 -3.08
C LEU A 16 6.62 -8.31 -2.35
N GLY A 17 6.54 -8.24 -1.03
CA GLY A 17 7.69 -8.43 -0.18
C GLY A 17 7.92 -7.23 0.70
N PHE A 18 6.93 -6.36 0.73
CA PHE A 18 7.03 -5.09 1.40
C PHE A 18 6.47 -5.14 2.79
N PRO A 19 6.79 -4.13 3.60
CA PRO A 19 6.26 -3.96 4.95
C PRO A 19 4.85 -3.37 4.97
N ARG A 20 4.28 -3.41 6.14
CA ARG A 20 3.01 -2.78 6.43
C ARG A 20 3.14 -1.29 6.19
N ASP A 21 4.27 -0.78 6.62
CA ASP A 21 4.64 0.60 6.42
C ASP A 21 4.64 0.96 4.93
N ALA A 22 4.85 -0.04 4.07
CA ALA A 22 4.86 0.21 2.64
C ALA A 22 3.45 0.47 2.14
N VAL A 23 2.46 -0.15 2.79
CA VAL A 23 1.09 0.13 2.46
C VAL A 23 0.81 1.56 2.83
N VAL A 24 1.15 1.90 4.02
CA VAL A 24 0.85 3.22 4.50
C VAL A 24 1.54 4.31 3.69
N LYS A 25 2.83 4.19 3.46
CA LYS A 25 3.54 5.23 2.72
C LYS A 25 2.96 5.37 1.33
N ALA A 26 2.62 4.25 0.71
CA ALA A 26 2.20 4.26 -0.67
C ALA A 26 0.74 4.66 -0.79
N LEU A 27 -0.06 4.13 0.11
CA LEU A 27 -1.47 4.37 0.10
C LEU A 27 -1.74 5.77 0.60
N LYS A 28 -0.87 6.29 1.44
CA LYS A 28 -0.89 7.71 1.76
C LYS A 28 -0.67 8.54 0.49
N GLN A 29 0.29 8.15 -0.34
CA GLN A 29 0.58 8.88 -1.56
C GLN A 29 -0.53 8.74 -2.58
N THR A 30 -1.22 7.61 -2.55
CA THR A 30 -2.26 7.31 -3.52
C THR A 30 -3.66 7.50 -2.96
N ASN A 31 -3.72 7.66 -1.64
CA ASN A 31 -4.97 7.73 -0.88
C ASN A 31 -5.71 6.39 -0.88
N GLY A 32 -4.99 5.32 -0.52
CA GLY A 32 -5.62 4.06 -0.26
C GLY A 32 -5.97 3.19 -1.46
N ASN A 33 -5.58 3.54 -2.71
CA ASN A 33 -5.85 2.64 -3.81
C ASN A 33 -4.63 1.75 -4.14
N ALA A 34 -4.87 0.45 -4.18
CA ALA A 34 -3.81 -0.57 -4.06
C ALA A 34 -2.91 -0.74 -5.28
N GLU A 35 -3.42 -0.62 -6.48
CA GLU A 35 -2.59 -0.78 -7.64
C GLU A 35 -1.57 0.30 -7.70
N PHE A 36 -2.09 1.46 -7.53
CA PHE A 36 -1.31 2.66 -7.47
C PHE A 36 -0.38 2.60 -6.28
N ALA A 37 -0.81 1.83 -5.29
CA ALA A 37 -0.08 1.73 -4.04
C ALA A 37 1.25 1.06 -4.23
N ALA A 38 1.21 -0.11 -4.82
CA ALA A 38 2.40 -0.89 -5.07
C ALA A 38 3.36 -0.09 -5.91
N SER A 39 2.82 0.61 -6.89
CA SER A 39 3.66 1.32 -7.83
C SER A 39 4.26 2.52 -7.13
N LEU A 40 3.53 3.00 -6.13
CA LEU A 40 3.93 4.14 -5.38
C LEU A 40 4.88 3.74 -4.28
N LEU A 41 4.74 2.53 -3.77
CA LEU A 41 5.70 2.06 -2.83
C LEU A 41 6.97 1.68 -3.58
N PHE A 42 6.78 1.30 -4.85
CA PHE A 42 7.82 0.73 -5.68
C PHE A 42 9.01 1.66 -5.86
N GLN A 43 8.86 2.95 -5.50
CA GLN A 43 10.00 3.85 -5.53
C GLN A 43 11.06 3.46 -4.51
N SER A 44 10.70 2.55 -3.62
CA SER A 44 11.61 2.04 -2.61
C SER A 44 12.61 1.07 -3.24
N GLY A 1 -13.76 0.95 9.76
CA GLY A 1 -12.41 0.76 9.21
C GLY A 1 -12.00 1.92 8.33
N SER A 2 -10.88 1.76 7.64
CA SER A 2 -10.44 2.75 6.67
C SER A 2 -9.90 2.03 5.44
N ALA A 3 -10.38 2.39 4.27
CA ALA A 3 -10.07 1.67 3.05
C ALA A 3 -8.84 2.24 2.35
N THR A 4 -7.96 2.85 3.12
CA THR A 4 -6.72 3.36 2.60
C THR A 4 -5.61 2.35 2.68
N PHE A 5 -5.36 2.00 3.89
CA PHE A 5 -4.34 1.05 4.29
C PHE A 5 -4.90 -0.19 5.05
N PRO A 6 -5.97 -0.81 4.56
CA PRO A 6 -6.52 -2.04 5.10
C PRO A 6 -5.71 -3.27 4.73
N GLU A 7 -5.93 -4.32 5.51
CA GLU A 7 -5.18 -5.57 5.38
C GLU A 7 -5.25 -6.13 3.97
N GLN A 8 -6.36 -5.88 3.28
CA GLN A 8 -6.49 -6.27 1.88
C GLN A 8 -5.32 -5.76 1.08
N THR A 9 -5.18 -4.45 1.05
CA THR A 9 -4.16 -3.79 0.29
C THR A 9 -2.80 -3.99 0.90
N ILE A 10 -2.80 -4.01 2.22
CA ILE A 10 -1.61 -4.28 2.98
C ILE A 10 -0.97 -5.57 2.54
N LYS A 11 -1.74 -6.62 2.61
CA LYS A 11 -1.24 -7.92 2.29
C LYS A 11 -0.93 -8.06 0.83
N GLN A 12 -1.64 -7.32 -0.02
CA GLN A 12 -1.34 -7.28 -1.41
C GLN A 12 0.04 -6.66 -1.70
N LEU A 13 0.41 -5.65 -0.94
CA LEU A 13 1.65 -4.99 -1.16
C LEU A 13 2.74 -5.70 -0.41
N MET A 14 2.42 -6.15 0.78
CA MET A 14 3.27 -7.05 1.51
C MET A 14 3.54 -8.29 0.69
N ASP A 15 2.55 -8.63 -0.10
CA ASP A 15 2.62 -9.71 -1.06
C ASP A 15 3.74 -9.47 -2.07
N LEU A 16 3.97 -8.22 -2.47
CA LEU A 16 5.04 -7.93 -3.38
C LEU A 16 6.40 -8.01 -2.67
N GLY A 17 6.37 -8.12 -1.34
CA GLY A 17 7.59 -8.26 -0.56
C GLY A 17 7.94 -7.00 0.21
N PHE A 18 6.93 -6.24 0.60
CA PHE A 18 7.15 -4.98 1.30
C PHE A 18 6.75 -5.05 2.77
N PRO A 19 7.11 -4.01 3.54
CA PRO A 19 6.64 -3.78 4.90
C PRO A 19 5.27 -3.12 4.93
N ARG A 20 4.67 -3.19 6.08
CA ARG A 20 3.35 -2.64 6.32
C ARG A 20 3.37 -1.14 6.18
N ASP A 21 4.46 -0.58 6.63
CA ASP A 21 4.74 0.84 6.48
C ASP A 21 4.62 1.27 5.02
N ALA A 22 4.99 0.36 4.12
CA ALA A 22 4.96 0.66 2.69
C ALA A 22 3.54 0.81 2.17
N VAL A 23 2.59 0.06 2.74
CA VAL A 23 1.19 0.23 2.38
C VAL A 23 0.80 1.64 2.76
N VAL A 24 1.12 1.98 3.95
CA VAL A 24 0.74 3.26 4.46
C VAL A 24 1.42 4.40 3.73
N LYS A 25 2.70 4.27 3.46
CA LYS A 25 3.41 5.31 2.72
C LYS A 25 2.81 5.46 1.34
N ALA A 26 2.51 4.34 0.72
CA ALA A 26 2.12 4.35 -0.68
C ALA A 26 0.69 4.73 -0.83
N LEU A 27 -0.13 4.13 0.00
CA LEU A 27 -1.55 4.34 -0.06
C LEU A 27 -1.82 5.74 0.42
N LYS A 28 -0.93 6.25 1.27
CA LYS A 28 -0.98 7.67 1.61
C LYS A 28 -0.92 8.52 0.34
N GLN A 29 0.04 8.25 -0.54
CA GLN A 29 0.16 9.07 -1.72
C GLN A 29 -0.95 8.79 -2.72
N THR A 30 -1.37 7.53 -2.81
CA THR A 30 -2.40 7.11 -3.73
C THR A 30 -3.79 7.23 -3.14
N ASN A 31 -3.83 7.65 -1.88
CA ASN A 31 -5.06 7.71 -1.10
C ASN A 31 -5.77 6.34 -1.05
N GLY A 32 -5.01 5.31 -0.70
CA GLY A 32 -5.61 4.04 -0.41
C GLY A 32 -5.96 3.15 -1.61
N ASN A 33 -5.54 3.46 -2.85
CA ASN A 33 -5.83 2.54 -3.92
C ASN A 33 -4.60 1.72 -4.27
N ALA A 34 -4.78 0.40 -4.34
CA ALA A 34 -3.68 -0.55 -4.24
C ALA A 34 -2.79 -0.64 -5.47
N GLU A 35 -3.34 -0.52 -6.65
CA GLU A 35 -2.57 -0.72 -7.84
C GLU A 35 -1.56 0.38 -8.00
N PHE A 36 -2.08 1.55 -7.78
CA PHE A 36 -1.30 2.75 -7.77
C PHE A 36 -0.31 2.72 -6.63
N ALA A 37 -0.71 2.03 -5.59
CA ALA A 37 0.07 1.97 -4.39
C ALA A 37 1.31 1.16 -4.61
N ALA A 38 1.13 0.03 -5.23
CA ALA A 38 2.20 -0.88 -5.52
C ALA A 38 3.27 -0.19 -6.33
N SER A 39 2.84 0.50 -7.37
CA SER A 39 3.78 1.05 -8.32
C SER A 39 4.46 2.25 -7.71
N LEU A 40 3.77 2.85 -6.76
CA LEU A 40 4.29 3.98 -6.06
C LEU A 40 5.17 3.54 -4.92
N LEU A 41 4.78 2.49 -4.21
CA LEU A 41 5.54 2.02 -3.11
C LEU A 41 6.80 1.36 -3.63
N PHE A 42 6.69 0.85 -4.86
CA PHE A 42 7.78 0.23 -5.59
C PHE A 42 9.02 1.11 -5.60
N GLN A 43 8.84 2.40 -5.31
CA GLN A 43 9.94 3.35 -5.20
C GLN A 43 10.99 2.86 -4.22
N SER A 44 10.53 2.11 -3.25
CA SER A 44 11.39 1.56 -2.21
C SER A 44 11.09 0.08 -1.99
N GLY A 1 -12.35 7.37 9.21
CA GLY A 1 -11.98 5.96 8.94
C GLY A 1 -12.24 5.56 7.51
N SER A 2 -11.19 5.25 6.78
CA SER A 2 -11.30 4.88 5.38
C SER A 2 -10.56 3.58 5.12
N ALA A 3 -10.95 2.88 4.07
CA ALA A 3 -10.26 1.67 3.65
C ALA A 3 -9.02 2.05 2.82
N THR A 4 -8.11 2.79 3.45
CA THR A 4 -6.92 3.26 2.78
C THR A 4 -5.82 2.23 2.81
N PHE A 5 -5.48 1.89 4.01
CA PHE A 5 -4.41 0.97 4.35
C PHE A 5 -4.88 -0.29 5.13
N PRO A 6 -5.96 -0.94 4.70
CA PRO A 6 -6.46 -2.20 5.26
C PRO A 6 -5.69 -3.41 4.78
N GLU A 7 -5.83 -4.51 5.54
CA GLU A 7 -5.02 -5.68 5.34
C GLU A 7 -5.21 -6.32 3.98
N GLN A 8 -6.36 -6.09 3.34
CA GLN A 8 -6.56 -6.54 1.95
C GLN A 8 -5.44 -6.00 1.08
N THR A 9 -5.32 -4.68 1.10
CA THR A 9 -4.35 -3.98 0.32
C THR A 9 -2.96 -4.14 0.91
N ILE A 10 -2.94 -4.23 2.21
CA ILE A 10 -1.72 -4.47 2.95
C ILE A 10 -1.06 -5.70 2.44
N LYS A 11 -1.78 -6.78 2.47
CA LYS A 11 -1.24 -8.04 2.06
C LYS A 11 -0.92 -8.02 0.60
N GLN A 12 -1.64 -7.21 -0.18
CA GLN A 12 -1.34 -7.05 -1.57
C GLN A 12 0.05 -6.44 -1.76
N LEU A 13 0.36 -5.42 -0.99
CA LEU A 13 1.58 -4.68 -1.18
C LEU A 13 2.71 -5.38 -0.47
N MET A 14 2.42 -5.88 0.72
CA MET A 14 3.34 -6.72 1.42
C MET A 14 3.59 -7.99 0.64
N ASP A 15 2.63 -8.33 -0.21
CA ASP A 15 2.72 -9.44 -1.14
C ASP A 15 3.87 -9.25 -2.13
N LEU A 16 4.13 -8.00 -2.53
CA LEU A 16 5.28 -7.69 -3.32
C LEU A 16 6.57 -8.05 -2.58
N GLY A 17 6.50 -8.02 -1.26
CA GLY A 17 7.65 -8.30 -0.43
C GLY A 17 7.98 -7.12 0.47
N PHE A 18 7.04 -6.19 0.55
CA PHE A 18 7.20 -4.98 1.33
C PHE A 18 6.68 -5.11 2.77
N PRO A 19 7.08 -4.15 3.61
CA PRO A 19 6.61 -4.00 4.99
C PRO A 19 5.29 -3.27 5.09
N ARG A 20 4.67 -3.35 6.24
CA ARG A 20 3.37 -2.74 6.49
C ARG A 20 3.42 -1.24 6.27
N ASP A 21 4.49 -0.64 6.77
CA ASP A 21 4.71 0.80 6.59
C ASP A 21 4.62 1.19 5.13
N ALA A 22 4.99 0.26 4.26
CA ALA A 22 4.98 0.50 2.83
C ALA A 22 3.56 0.59 2.28
N VAL A 23 2.60 -0.13 2.89
CA VAL A 23 1.21 0.00 2.48
C VAL A 23 0.79 1.40 2.76
N VAL A 24 1.11 1.82 3.94
CA VAL A 24 0.72 3.12 4.40
C VAL A 24 1.36 4.23 3.58
N LYS A 25 2.68 4.18 3.41
CA LYS A 25 3.36 5.22 2.66
C LYS A 25 2.84 5.25 1.23
N ALA A 26 2.59 4.08 0.68
CA ALA A 26 2.19 3.97 -0.71
C ALA A 26 0.74 4.35 -0.89
N LEU A 27 -0.10 3.93 0.02
CA LEU A 27 -1.51 4.24 -0.07
C LEU A 27 -1.76 5.67 0.34
N LYS A 28 -0.98 6.15 1.28
CA LYS A 28 -0.91 7.60 1.54
C LYS A 28 -0.57 8.35 0.26
N GLN A 29 0.37 7.80 -0.51
CA GLN A 29 0.78 8.37 -1.77
C GLN A 29 -0.37 8.37 -2.77
N THR A 30 -1.23 7.38 -2.67
CA THR A 30 -2.23 7.11 -3.66
C THR A 30 -3.66 7.29 -3.15
N ASN A 31 -3.76 7.71 -1.91
CA ASN A 31 -5.02 7.78 -1.18
C ASN A 31 -5.77 6.44 -1.18
N GLY A 32 -5.10 5.38 -0.72
CA GLY A 32 -5.80 4.14 -0.47
C GLY A 32 -5.87 3.14 -1.63
N ASN A 33 -5.60 3.52 -2.89
CA ASN A 33 -5.75 2.56 -3.96
C ASN A 33 -4.47 1.76 -4.19
N ALA A 34 -4.58 0.45 -4.00
CA ALA A 34 -3.43 -0.43 -3.79
C ALA A 34 -2.57 -0.66 -5.02
N GLU A 35 -3.17 -0.77 -6.18
CA GLU A 35 -2.43 -1.08 -7.35
C GLU A 35 -1.52 0.06 -7.72
N PHE A 36 -2.10 1.21 -7.59
CA PHE A 36 -1.41 2.45 -7.72
C PHE A 36 -0.36 2.60 -6.64
N ALA A 37 -0.66 2.02 -5.49
CA ALA A 37 0.20 2.14 -4.34
C ALA A 37 1.46 1.34 -4.57
N ALA A 38 1.27 0.11 -5.01
CA ALA A 38 2.36 -0.79 -5.29
C ALA A 38 3.31 -0.17 -6.27
N SER A 39 2.75 0.42 -7.31
CA SER A 39 3.55 0.90 -8.42
C SER A 39 4.35 2.08 -7.93
N LEU A 40 3.80 2.72 -6.93
CA LEU A 40 4.40 3.86 -6.33
C LEU A 40 5.43 3.42 -5.30
N LEU A 41 5.07 2.52 -4.40
CA LEU A 41 5.92 2.15 -3.32
C LEU A 41 7.10 1.38 -3.88
N PHE A 42 6.86 0.80 -5.05
CA PHE A 42 7.87 0.13 -5.85
C PHE A 42 9.13 0.99 -5.99
N GLN A 43 8.98 2.30 -5.70
CA GLN A 43 10.13 3.21 -5.78
C GLN A 43 11.20 2.86 -4.74
N SER A 44 10.89 1.90 -3.88
CA SER A 44 11.85 1.38 -2.91
C SER A 44 12.77 0.36 -3.56
N GLY A 1 -10.40 5.18 8.39
CA GLY A 1 -9.95 4.78 7.04
C GLY A 1 -11.06 4.10 6.27
N SER A 2 -11.44 4.68 5.14
CA SER A 2 -12.49 4.12 4.30
C SER A 2 -12.00 2.81 3.69
N ALA A 3 -10.88 2.89 2.99
CA ALA A 3 -10.25 1.72 2.38
C ALA A 3 -8.87 2.10 1.86
N THR A 4 -8.08 2.70 2.72
CA THR A 4 -6.77 3.20 2.35
C THR A 4 -5.69 2.16 2.56
N PHE A 5 -5.60 1.81 3.79
CA PHE A 5 -4.61 0.88 4.31
C PHE A 5 -5.25 -0.36 5.02
N PRO A 6 -6.24 -0.99 4.43
CA PRO A 6 -6.85 -2.21 4.93
C PRO A 6 -5.98 -3.45 4.71
N GLU A 7 -6.10 -4.37 5.66
CA GLU A 7 -5.27 -5.56 5.74
C GLU A 7 -5.30 -6.37 4.45
N GLN A 8 -6.45 -6.38 3.78
CA GLN A 8 -6.60 -7.09 2.51
C GLN A 8 -5.54 -6.63 1.52
N THR A 9 -5.53 -5.33 1.27
CA THR A 9 -4.63 -4.72 0.35
C THR A 9 -3.23 -4.69 0.92
N ILE A 10 -3.18 -4.52 2.22
CA ILE A 10 -1.94 -4.54 2.95
C ILE A 10 -1.19 -5.80 2.65
N LYS A 11 -1.82 -6.90 2.89
CA LYS A 11 -1.17 -8.16 2.70
C LYS A 11 -0.85 -8.42 1.26
N GLN A 12 -1.65 -7.87 0.35
CA GLN A 12 -1.37 -7.96 -1.05
C GLN A 12 -0.12 -7.17 -1.43
N LEU A 13 0.08 -6.04 -0.79
CA LEU A 13 1.14 -5.14 -1.14
C LEU A 13 2.38 -5.52 -0.38
N MET A 14 2.19 -5.92 0.85
CA MET A 14 3.21 -6.54 1.61
C MET A 14 3.60 -7.87 0.99
N ASP A 15 2.66 -8.42 0.24
CA ASP A 15 2.88 -9.65 -0.53
C ASP A 15 3.93 -9.44 -1.61
N LEU A 16 4.05 -8.20 -2.10
CA LEU A 16 5.11 -7.82 -2.97
C LEU A 16 6.47 -8.04 -2.33
N GLY A 17 6.47 -8.15 -1.02
CA GLY A 17 7.69 -8.29 -0.25
C GLY A 17 7.89 -7.08 0.65
N PHE A 18 6.93 -6.18 0.54
CA PHE A 18 6.99 -4.89 1.22
C PHE A 18 6.44 -4.97 2.64
N PRO A 19 6.91 -4.08 3.52
CA PRO A 19 6.45 -4.00 4.89
C PRO A 19 5.13 -3.26 5.02
N ARG A 20 4.52 -3.37 6.17
CA ARG A 20 3.27 -2.72 6.48
C ARG A 20 3.41 -1.21 6.30
N ASP A 21 4.56 -0.75 6.74
CA ASP A 21 4.99 0.63 6.56
C ASP A 21 4.83 1.10 5.11
N ALA A 22 5.02 0.17 4.17
CA ALA A 22 4.94 0.49 2.76
C ALA A 22 3.51 0.71 2.31
N VAL A 23 2.53 0.01 2.91
CA VAL A 23 1.14 0.22 2.56
C VAL A 23 0.78 1.63 2.95
N VAL A 24 1.13 1.97 4.13
CA VAL A 24 0.77 3.25 4.65
C VAL A 24 1.46 4.40 3.92
N LYS A 25 2.76 4.29 3.66
CA LYS A 25 3.45 5.35 2.94
C LYS A 25 2.84 5.53 1.56
N ALA A 26 2.58 4.41 0.91
CA ALA A 26 2.20 4.44 -0.48
C ALA A 26 0.76 4.76 -0.62
N LEU A 27 -0.05 4.13 0.19
CA LEU A 27 -1.47 4.30 0.12
C LEU A 27 -1.80 5.69 0.64
N LYS A 28 -0.95 6.22 1.52
CA LYS A 28 -1.09 7.62 1.91
C LYS A 28 -1.01 8.55 0.71
N GLN A 29 0.03 8.41 -0.13
CA GLN A 29 0.22 9.34 -1.20
C GLN A 29 -0.74 9.08 -2.35
N THR A 30 -1.08 7.82 -2.53
CA THR A 30 -2.03 7.40 -3.55
C THR A 30 -3.47 7.46 -3.06
N ASN A 31 -3.61 7.62 -1.76
CA ASN A 31 -4.90 7.61 -1.08
C ASN A 31 -5.58 6.24 -1.17
N GLY A 32 -4.87 5.20 -0.73
CA GLY A 32 -5.48 3.92 -0.54
C GLY A 32 -5.74 3.08 -1.78
N ASN A 33 -5.44 3.57 -3.00
CA ASN A 33 -5.71 2.75 -4.16
C ASN A 33 -4.54 1.80 -4.45
N ALA A 34 -4.77 0.53 -4.13
CA ALA A 34 -3.71 -0.47 -3.96
C ALA A 34 -2.75 -0.59 -5.13
N GLU A 35 -3.27 -0.79 -6.32
CA GLU A 35 -2.47 -1.01 -7.47
C GLU A 35 -1.52 0.13 -7.69
N PHE A 36 -2.11 1.27 -7.62
CA PHE A 36 -1.43 2.52 -7.78
C PHE A 36 -0.44 2.75 -6.67
N ALA A 37 -0.82 2.34 -5.48
CA ALA A 37 0.00 2.54 -4.32
C ALA A 37 1.23 1.68 -4.37
N ALA A 38 1.05 0.43 -4.75
CA ALA A 38 2.14 -0.51 -4.87
C ALA A 38 3.15 0.00 -5.88
N SER A 39 2.65 0.49 -7.00
CA SER A 39 3.50 0.85 -8.10
C SER A 39 4.20 2.14 -7.75
N LEU A 40 3.59 2.82 -6.81
CA LEU A 40 4.12 4.04 -6.28
C LEU A 40 5.15 3.70 -5.23
N LEU A 41 4.86 2.72 -4.37
CA LEU A 41 5.76 2.37 -3.32
C LEU A 41 7.02 1.80 -3.92
N PHE A 42 6.86 1.22 -5.11
CA PHE A 42 7.95 0.68 -5.91
C PHE A 42 9.07 1.70 -6.08
N GLN A 43 8.76 2.97 -5.78
CA GLN A 43 9.74 4.05 -5.89
C GLN A 43 10.90 3.85 -4.93
N SER A 44 10.68 3.05 -3.91
CA SER A 44 11.72 2.74 -2.94
C SER A 44 12.18 1.29 -3.11
N GLY A 1 -13.21 1.13 8.50
CA GLY A 1 -12.41 2.08 9.32
C GLY A 1 -11.39 2.81 8.47
N SER A 2 -10.18 2.26 8.39
CA SER A 2 -9.14 2.81 7.55
C SER A 2 -9.20 2.20 6.16
N ALA A 3 -9.95 2.82 5.27
CA ALA A 3 -10.19 2.28 3.94
C ALA A 3 -9.01 2.53 3.00
N THR A 4 -7.99 3.20 3.50
CA THR A 4 -6.81 3.50 2.71
C THR A 4 -5.77 2.41 2.81
N PHE A 5 -5.58 2.02 4.02
CA PHE A 5 -4.58 1.06 4.44
C PHE A 5 -5.17 -0.17 5.19
N PRO A 6 -6.22 -0.77 4.67
CA PRO A 6 -6.79 -2.01 5.18
C PRO A 6 -5.96 -3.23 4.83
N GLU A 7 -6.07 -4.25 5.66
CA GLU A 7 -5.25 -5.44 5.56
C GLU A 7 -5.38 -6.11 4.21
N GLN A 8 -6.53 -5.94 3.56
CA GLN A 8 -6.73 -6.41 2.20
C GLN A 8 -5.61 -5.92 1.28
N THR A 9 -5.45 -4.61 1.20
CA THR A 9 -4.47 -4.00 0.34
C THR A 9 -3.09 -4.12 0.93
N ILE A 10 -3.04 -4.02 2.24
CA ILE A 10 -1.82 -4.20 2.98
C ILE A 10 -1.19 -5.51 2.61
N LYS A 11 -1.91 -6.57 2.80
CA LYS A 11 -1.36 -7.87 2.58
C LYS A 11 -1.10 -8.12 1.12
N GLN A 12 -1.86 -7.50 0.24
CA GLN A 12 -1.61 -7.58 -1.16
C GLN A 12 -0.23 -6.97 -1.50
N LEU A 13 0.04 -5.83 -0.92
CA LEU A 13 1.18 -5.06 -1.28
C LEU A 13 2.39 -5.53 -0.52
N MET A 14 2.18 -5.82 0.76
CA MET A 14 3.16 -6.47 1.55
C MET A 14 3.46 -7.85 0.98
N ASP A 15 2.50 -8.38 0.25
CA ASP A 15 2.63 -9.63 -0.47
C ASP A 15 3.70 -9.56 -1.56
N LEU A 16 3.90 -8.38 -2.17
CA LEU A 16 4.99 -8.19 -3.06
C LEU A 16 6.33 -8.43 -2.36
N GLY A 17 6.29 -8.34 -1.04
CA GLY A 17 7.47 -8.53 -0.21
C GLY A 17 7.71 -7.29 0.62
N PHE A 18 6.81 -6.34 0.49
CA PHE A 18 6.94 -5.03 1.11
C PHE A 18 6.50 -5.00 2.55
N PRO A 19 6.96 -3.98 3.27
CA PRO A 19 6.62 -3.74 4.67
C PRO A 19 5.26 -3.10 4.82
N ARG A 20 4.77 -3.09 6.03
CA ARG A 20 3.46 -2.53 6.35
C ARG A 20 3.48 -1.04 6.10
N ASP A 21 4.61 -0.47 6.42
CA ASP A 21 4.87 0.95 6.19
C ASP A 21 4.68 1.29 4.72
N ALA A 22 4.90 0.31 3.84
CA ALA A 22 4.80 0.54 2.41
C ALA A 22 3.36 0.72 2.00
N VAL A 23 2.42 0.01 2.64
CA VAL A 23 1.01 0.23 2.35
C VAL A 23 0.67 1.63 2.77
N VAL A 24 1.05 1.96 3.93
CA VAL A 24 0.68 3.23 4.47
C VAL A 24 1.30 4.39 3.72
N LYS A 25 2.57 4.33 3.40
CA LYS A 25 3.19 5.43 2.69
C LYS A 25 2.58 5.58 1.30
N ALA A 26 2.32 4.46 0.65
CA ALA A 26 1.87 4.48 -0.71
C ALA A 26 0.39 4.76 -0.77
N LEU A 27 -0.36 4.08 0.06
CA LEU A 27 -1.77 4.25 0.06
C LEU A 27 -2.05 5.66 0.57
N LYS A 28 -1.15 6.20 1.36
CA LYS A 28 -1.23 7.60 1.77
C LYS A 28 -1.25 8.53 0.57
N GLN A 29 -0.26 8.43 -0.31
CA GLN A 29 -0.13 9.39 -1.37
C GLN A 29 -1.21 9.20 -2.43
N THR A 30 -1.54 7.94 -2.66
CA THR A 30 -2.55 7.57 -3.62
C THR A 30 -3.96 7.60 -3.03
N ASN A 31 -4.00 7.71 -1.72
CA ASN A 31 -5.25 7.65 -0.95
C ASN A 31 -5.91 6.27 -1.02
N GLY A 32 -5.15 5.24 -0.63
CA GLY A 32 -5.73 3.96 -0.39
C GLY A 32 -6.07 3.13 -1.62
N ASN A 33 -5.63 3.48 -2.84
CA ASN A 33 -5.95 2.63 -3.96
C ASN A 33 -4.74 1.77 -4.34
N ALA A 34 -4.98 0.47 -4.40
CA ALA A 34 -3.91 -0.54 -4.39
C ALA A 34 -2.88 -0.39 -5.49
N GLU A 35 -3.30 -0.55 -6.74
CA GLU A 35 -2.38 -0.64 -7.83
C GLU A 35 -1.44 0.54 -7.91
N PHE A 36 -2.01 1.68 -7.67
CA PHE A 36 -1.29 2.93 -7.70
C PHE A 36 -0.30 3.01 -6.58
N ALA A 37 -0.71 2.56 -5.42
CA ALA A 37 0.11 2.66 -4.25
C ALA A 37 1.31 1.74 -4.37
N ALA A 38 1.07 0.53 -4.81
CA ALA A 38 2.13 -0.44 -5.01
C ALA A 38 3.16 0.09 -5.97
N SER A 39 2.70 0.73 -7.01
CA SER A 39 3.57 1.15 -8.08
C SER A 39 4.34 2.36 -7.61
N LEU A 40 3.79 3.02 -6.60
CA LEU A 40 4.42 4.11 -5.98
C LEU A 40 5.40 3.60 -4.96
N LEU A 41 4.98 2.63 -4.15
CA LEU A 41 5.79 2.14 -3.09
C LEU A 41 7.02 1.48 -3.69
N PHE A 42 6.83 0.99 -4.91
CA PHE A 42 7.87 0.39 -5.73
C PHE A 42 9.11 1.29 -5.80
N GLN A 43 8.94 2.56 -5.42
CA GLN A 43 10.06 3.50 -5.38
C GLN A 43 11.14 3.04 -4.41
N SER A 44 10.76 2.11 -3.55
CA SER A 44 11.68 1.54 -2.58
C SER A 44 12.42 0.36 -3.22
N GLY A 1 -6.85 7.95 10.18
CA GLY A 1 -7.17 7.39 8.84
C GLY A 1 -8.42 6.53 8.88
N SER A 2 -9.00 6.30 7.72
CA SER A 2 -10.22 5.49 7.62
C SER A 2 -10.02 4.32 6.67
N ALA A 3 -9.29 3.32 7.14
CA ALA A 3 -8.95 2.14 6.35
C ALA A 3 -8.35 2.52 5.00
N THR A 4 -7.33 3.37 5.05
CA THR A 4 -6.63 3.79 3.85
C THR A 4 -5.57 2.79 3.48
N PHE A 5 -5.21 2.04 4.48
CA PHE A 5 -4.13 1.05 4.44
C PHE A 5 -4.58 -0.30 5.04
N PRO A 6 -5.73 -0.79 4.62
CA PRO A 6 -6.39 -1.99 5.13
C PRO A 6 -5.73 -3.29 4.69
N GLU A 7 -6.14 -4.37 5.34
CA GLU A 7 -5.57 -5.69 5.13
C GLU A 7 -5.60 -6.09 3.66
N GLN A 8 -6.67 -5.73 2.97
CA GLN A 8 -6.78 -5.97 1.53
C GLN A 8 -5.51 -5.51 0.80
N THR A 9 -5.24 -4.23 0.87
CA THR A 9 -4.09 -3.62 0.27
C THR A 9 -2.82 -4.04 0.95
N ILE A 10 -2.93 -4.24 2.25
CA ILE A 10 -1.85 -4.73 3.07
C ILE A 10 -1.31 -5.98 2.45
N LYS A 11 -2.16 -6.94 2.28
CA LYS A 11 -1.72 -8.21 1.82
C LYS A 11 -1.26 -8.16 0.40
N GLN A 12 -1.85 -7.32 -0.42
CA GLN A 12 -1.45 -7.17 -1.77
C GLN A 12 -0.01 -6.63 -1.88
N LEU A 13 0.30 -5.71 -1.03
CA LEU A 13 1.56 -5.03 -1.11
C LEU A 13 2.58 -5.79 -0.33
N MET A 14 2.21 -6.23 0.86
CA MET A 14 3.04 -7.08 1.63
C MET A 14 3.27 -8.38 0.87
N ASP A 15 2.33 -8.67 -0.01
CA ASP A 15 2.42 -9.80 -0.94
C ASP A 15 3.67 -9.69 -1.78
N LEU A 16 3.95 -8.50 -2.32
CA LEU A 16 5.10 -8.34 -3.17
C LEU A 16 6.40 -8.43 -2.35
N GLY A 17 6.27 -8.54 -1.04
CA GLY A 17 7.42 -8.68 -0.17
C GLY A 17 7.66 -7.44 0.67
N PHE A 18 6.70 -6.53 0.65
CA PHE A 18 6.85 -5.23 1.28
C PHE A 18 6.30 -5.23 2.70
N PRO A 19 6.82 -4.35 3.55
CA PRO A 19 6.38 -4.21 4.93
C PRO A 19 5.10 -3.40 5.03
N ARG A 20 4.47 -3.47 6.17
CA ARG A 20 3.20 -2.81 6.43
C ARG A 20 3.30 -1.33 6.15
N ASP A 21 4.41 -0.76 6.59
CA ASP A 21 4.67 0.66 6.41
C ASP A 21 4.66 1.04 4.93
N ALA A 22 4.92 0.08 4.06
CA ALA A 22 4.91 0.33 2.63
C ALA A 22 3.49 0.47 2.12
N VAL A 23 2.53 -0.22 2.75
CA VAL A 23 1.13 -0.04 2.41
C VAL A 23 0.76 1.38 2.71
N VAL A 24 1.13 1.80 3.88
CA VAL A 24 0.78 3.09 4.35
C VAL A 24 1.39 4.18 3.51
N LYS A 25 2.67 4.07 3.21
CA LYS A 25 3.34 5.09 2.43
C LYS A 25 2.63 5.25 1.10
N ALA A 26 2.31 4.13 0.48
CA ALA A 26 1.90 4.14 -0.90
C ALA A 26 0.45 4.51 -1.01
N LEU A 27 -0.32 4.05 -0.05
CA LEU A 27 -1.73 4.28 -0.06
C LEU A 27 -2.00 5.70 0.41
N LYS A 28 -1.12 6.25 1.25
CA LYS A 28 -1.12 7.68 1.52
C LYS A 28 -1.01 8.47 0.22
N GLN A 29 -0.13 8.03 -0.69
CA GLN A 29 -0.04 8.64 -2.00
C GLN A 29 -1.38 8.58 -2.72
N THR A 30 -1.91 7.37 -2.76
CA THR A 30 -2.99 7.02 -3.63
C THR A 30 -4.35 7.05 -2.94
N ASN A 31 -4.34 7.56 -1.73
CA ASN A 31 -5.50 7.56 -0.86
C ASN A 31 -6.11 6.15 -0.75
N GLY A 32 -5.26 5.17 -0.44
CA GLY A 32 -5.73 3.86 -0.13
C GLY A 32 -6.20 3.00 -1.31
N ASN A 33 -5.61 3.11 -2.52
CA ASN A 33 -5.91 2.14 -3.56
C ASN A 33 -4.66 1.32 -3.94
N ALA A 34 -4.88 0.02 -4.18
CA ALA A 34 -3.77 -0.96 -4.14
C ALA A 34 -2.89 -1.02 -5.38
N GLU A 35 -3.44 -0.85 -6.56
CA GLU A 35 -2.65 -0.96 -7.75
C GLU A 35 -1.61 0.11 -7.79
N PHE A 36 -2.14 1.26 -7.59
CA PHE A 36 -1.37 2.48 -7.54
C PHE A 36 -0.43 2.47 -6.36
N ALA A 37 -0.78 1.64 -5.39
CA ALA A 37 0.00 1.51 -4.20
C ALA A 37 1.33 0.86 -4.47
N ALA A 38 1.27 -0.29 -5.10
CA ALA A 38 2.45 -1.06 -5.40
C ALA A 38 3.39 -0.24 -6.25
N SER A 39 2.82 0.44 -7.24
CA SER A 39 3.60 1.16 -8.20
C SER A 39 4.24 2.34 -7.52
N LEU A 40 3.60 2.80 -6.46
CA LEU A 40 4.11 3.87 -5.69
C LEU A 40 5.15 3.36 -4.73
N LEU A 41 4.82 2.29 -4.02
CA LEU A 41 5.68 1.82 -2.98
C LEU A 41 6.96 1.32 -3.60
N PHE A 42 6.83 0.84 -4.84
CA PHE A 42 7.92 0.30 -5.61
C PHE A 42 9.09 1.29 -5.69
N GLN A 43 8.81 2.56 -5.35
CA GLN A 43 9.84 3.61 -5.37
C GLN A 43 11.01 3.23 -4.47
N SER A 44 10.72 2.40 -3.50
CA SER A 44 11.72 1.98 -2.53
C SER A 44 11.91 0.47 -2.60
N GLY A 1 -15.51 6.72 6.04
CA GLY A 1 -14.77 6.02 4.97
C GLY A 1 -13.57 5.26 5.52
N SER A 2 -12.41 5.92 5.49
CA SER A 2 -11.17 5.31 5.98
C SER A 2 -10.82 4.06 5.18
N ALA A 3 -10.12 3.12 5.82
CA ALA A 3 -9.65 1.91 5.16
C ALA A 3 -8.71 2.27 4.02
N THR A 4 -7.70 3.06 4.33
CA THR A 4 -6.74 3.53 3.37
C THR A 4 -5.61 2.55 3.23
N PHE A 5 -5.37 1.91 4.33
CA PHE A 5 -4.26 0.98 4.53
C PHE A 5 -4.71 -0.33 5.21
N PRO A 6 -5.81 -0.92 4.76
CA PRO A 6 -6.40 -2.12 5.31
C PRO A 6 -5.69 -3.40 4.90
N GLU A 7 -5.98 -4.47 5.63
CA GLU A 7 -5.38 -5.77 5.42
C GLU A 7 -5.43 -6.19 3.95
N GLN A 8 -6.49 -5.78 3.27
CA GLN A 8 -6.60 -5.96 1.83
C GLN A 8 -5.35 -5.55 1.10
N THR A 9 -5.07 -4.26 1.17
CA THR A 9 -3.96 -3.66 0.52
C THR A 9 -2.70 -4.06 1.23
N ILE A 10 -2.86 -4.25 2.52
CA ILE A 10 -1.77 -4.66 3.38
C ILE A 10 -1.16 -5.91 2.82
N LYS A 11 -1.98 -6.90 2.68
CA LYS A 11 -1.54 -8.17 2.21
C LYS A 11 -1.19 -8.12 0.74
N GLN A 12 -1.84 -7.25 -0.02
CA GLN A 12 -1.57 -7.15 -1.41
C GLN A 12 -0.16 -6.58 -1.65
N LEU A 13 0.26 -5.70 -0.78
CA LEU A 13 1.53 -5.04 -0.95
C LEU A 13 2.61 -5.78 -0.21
N MET A 14 2.24 -6.33 0.93
CA MET A 14 3.07 -7.27 1.60
C MET A 14 3.25 -8.50 0.72
N ASP A 15 2.27 -8.70 -0.13
CA ASP A 15 2.32 -9.71 -1.20
C ASP A 15 3.49 -9.43 -2.14
N LEU A 16 3.74 -8.16 -2.48
CA LEU A 16 4.94 -7.80 -3.16
C LEU A 16 6.18 -8.18 -2.36
N GLY A 17 6.03 -8.11 -1.04
CA GLY A 17 7.11 -8.47 -0.14
C GLY A 17 7.56 -7.30 0.68
N PHE A 18 6.72 -6.27 0.77
CA PHE A 18 7.07 -5.04 1.43
C PHE A 18 6.67 -5.06 2.89
N PRO A 19 7.05 -4.02 3.65
CA PRO A 19 6.56 -3.81 5.00
C PRO A 19 5.19 -3.17 5.02
N ARG A 20 4.59 -3.24 6.17
CA ARG A 20 3.29 -2.67 6.42
C ARG A 20 3.32 -1.17 6.22
N ASP A 21 4.41 -0.59 6.65
CA ASP A 21 4.67 0.84 6.50
C ASP A 21 4.66 1.23 5.02
N ALA A 22 4.94 0.27 4.14
CA ALA A 22 4.94 0.52 2.71
C ALA A 22 3.53 0.68 2.19
N VAL A 23 2.57 -0.03 2.79
CA VAL A 23 1.18 0.17 2.44
C VAL A 23 0.82 1.58 2.80
N VAL A 24 1.20 1.96 3.98
CA VAL A 24 0.84 3.25 4.49
C VAL A 24 1.46 4.40 3.72
N LYS A 25 2.74 4.32 3.42
CA LYS A 25 3.39 5.38 2.66
C LYS A 25 2.71 5.54 1.32
N ALA A 26 2.44 4.42 0.68
CA ALA A 26 2.00 4.43 -0.68
C ALA A 26 0.53 4.73 -0.76
N LEU A 27 -0.23 4.12 0.12
CA LEU A 27 -1.65 4.26 0.12
C LEU A 27 -1.98 5.66 0.63
N LYS A 28 -1.12 6.21 1.48
CA LYS A 28 -1.25 7.60 1.86
C LYS A 28 -1.24 8.51 0.64
N GLN A 29 -0.24 8.36 -0.23
CA GLN A 29 -0.12 9.27 -1.35
C GLN A 29 -1.13 8.94 -2.44
N THR A 30 -1.47 7.69 -2.56
CA THR A 30 -2.46 7.23 -3.51
C THR A 30 -3.89 7.32 -2.99
N ASN A 31 -3.99 7.55 -1.69
CA ASN A 31 -5.27 7.54 -0.98
C ASN A 31 -5.92 6.16 -0.98
N GLY A 32 -5.18 5.16 -0.50
CA GLY A 32 -5.76 3.88 -0.21
C GLY A 32 -6.01 2.95 -1.39
N ASN A 33 -5.65 3.33 -2.63
CA ASN A 33 -5.79 2.40 -3.73
C ASN A 33 -4.49 1.62 -3.98
N ALA A 34 -4.62 0.30 -3.93
CA ALA A 34 -3.47 -0.60 -3.80
C ALA A 34 -2.54 -0.64 -4.99
N GLU A 35 -3.06 -0.94 -6.17
CA GLU A 35 -2.27 -1.18 -7.32
C GLU A 35 -1.32 -0.05 -7.64
N PHE A 36 -1.87 1.11 -7.54
CA PHE A 36 -1.18 2.32 -7.84
C PHE A 36 -0.14 2.60 -6.78
N ALA A 37 -0.50 2.26 -5.55
CA ALA A 37 0.35 2.53 -4.43
C ALA A 37 1.58 1.66 -4.46
N ALA A 38 1.39 0.40 -4.78
CA ALA A 38 2.49 -0.54 -4.91
C ALA A 38 3.46 -0.06 -5.95
N SER A 39 2.93 0.39 -7.07
CA SER A 39 3.74 0.73 -8.21
C SER A 39 4.47 2.02 -7.90
N LEU A 40 3.88 2.77 -6.99
CA LEU A 40 4.43 3.99 -6.54
C LEU A 40 5.45 3.70 -5.46
N LEU A 41 5.13 2.79 -4.54
CA LEU A 41 6.03 2.48 -3.47
C LEU A 41 7.28 1.85 -4.06
N PHE A 42 7.07 1.21 -5.21
CA PHE A 42 8.12 0.57 -5.98
C PHE A 42 9.26 1.54 -6.27
N GLN A 43 9.02 2.83 -6.02
CA GLN A 43 10.04 3.86 -6.25
C GLN A 43 11.32 3.55 -5.48
N SER A 44 11.17 2.83 -4.39
CA SER A 44 12.28 2.47 -3.54
C SER A 44 12.63 1.00 -3.72
N GLY A 1 -10.14 9.03 2.11
CA GLY A 1 -9.60 8.37 3.33
C GLY A 1 -10.49 7.24 3.80
N SER A 2 -10.69 6.24 2.96
CA SER A 2 -11.47 5.07 3.32
C SER A 2 -10.87 3.82 2.69
N ALA A 3 -10.70 2.78 3.51
CA ALA A 3 -10.07 1.53 3.06
C ALA A 3 -8.70 1.81 2.46
N THR A 4 -7.88 2.52 3.22
CA THR A 4 -6.60 2.98 2.72
C THR A 4 -5.51 1.98 2.97
N PHE A 5 -5.34 1.73 4.20
CA PHE A 5 -4.32 0.82 4.72
C PHE A 5 -4.90 -0.41 5.48
N PRO A 6 -5.94 -1.04 4.98
CA PRO A 6 -6.49 -2.26 5.50
C PRO A 6 -5.68 -3.46 5.07
N GLU A 7 -5.95 -4.57 5.74
CA GLU A 7 -5.24 -5.82 5.50
C GLU A 7 -5.34 -6.25 4.04
N GLN A 8 -6.37 -5.78 3.33
CA GLN A 8 -6.45 -6.00 1.89
C GLN A 8 -5.18 -5.48 1.20
N THR A 9 -4.99 -4.18 1.26
CA THR A 9 -3.88 -3.52 0.63
C THR A 9 -2.59 -3.92 1.29
N ILE A 10 -2.68 -4.09 2.59
CA ILE A 10 -1.59 -4.58 3.40
C ILE A 10 -1.07 -5.86 2.81
N LYS A 11 -1.93 -6.83 2.68
CA LYS A 11 -1.49 -8.14 2.24
C LYS A 11 -1.11 -8.17 0.79
N GLN A 12 -1.75 -7.36 -0.04
CA GLN A 12 -1.39 -7.24 -1.42
C GLN A 12 0.05 -6.70 -1.59
N LEU A 13 0.43 -5.80 -0.72
CA LEU A 13 1.70 -5.15 -0.85
C LEU A 13 2.75 -5.89 -0.07
N MET A 14 2.35 -6.39 1.09
CA MET A 14 3.14 -7.34 1.81
C MET A 14 3.38 -8.56 0.94
N ASP A 15 2.40 -8.81 0.08
CA ASP A 15 2.48 -9.84 -0.94
C ASP A 15 3.63 -9.59 -1.88
N LEU A 16 3.94 -8.33 -2.20
CA LEU A 16 5.09 -8.08 -3.04
C LEU A 16 6.38 -8.24 -2.24
N GLY A 17 6.24 -8.43 -0.92
CA GLY A 17 7.38 -8.65 -0.05
C GLY A 17 7.76 -7.42 0.75
N PHE A 18 6.79 -6.54 0.99
CA PHE A 18 7.06 -5.29 1.67
C PHE A 18 6.65 -5.31 3.12
N PRO A 19 7.03 -4.27 3.86
CA PRO A 19 6.53 -4.00 5.21
C PRO A 19 5.18 -3.31 5.20
N ARG A 20 4.55 -3.34 6.34
CA ARG A 20 3.26 -2.70 6.54
C ARG A 20 3.38 -1.21 6.34
N ASP A 21 4.52 -0.72 6.77
CA ASP A 21 4.90 0.69 6.61
C ASP A 21 4.80 1.08 5.14
N ALA A 22 5.10 0.14 4.25
CA ALA A 22 5.07 0.40 2.81
C ALA A 22 3.64 0.60 2.33
N VAL A 23 2.67 -0.05 2.98
CA VAL A 23 1.28 0.17 2.64
C VAL A 23 0.96 1.60 2.99
N VAL A 24 1.31 1.97 4.17
CA VAL A 24 0.97 3.28 4.64
C VAL A 24 1.60 4.38 3.80
N LYS A 25 2.89 4.28 3.52
CA LYS A 25 3.55 5.33 2.76
C LYS A 25 2.87 5.49 1.40
N ALA A 26 2.56 4.36 0.78
CA ALA A 26 2.08 4.37 -0.57
C ALA A 26 0.61 4.69 -0.60
N LEU A 27 -0.12 4.06 0.29
CA LEU A 27 -1.55 4.19 0.32
C LEU A 27 -1.89 5.58 0.84
N LYS A 28 -1.02 6.16 1.66
CA LYS A 28 -1.16 7.56 2.00
C LYS A 28 -1.14 8.43 0.75
N GLN A 29 -0.13 8.26 -0.12
CA GLN A 29 -0.01 9.14 -1.25
C GLN A 29 -0.97 8.77 -2.38
N THR A 30 -1.31 7.50 -2.45
CA THR A 30 -2.30 7.02 -3.40
C THR A 30 -3.72 7.11 -2.86
N ASN A 31 -3.81 7.38 -1.57
CA ASN A 31 -5.06 7.34 -0.81
C ASN A 31 -5.73 5.97 -0.88
N GLY A 32 -5.00 4.94 -0.41
CA GLY A 32 -5.59 3.66 -0.16
C GLY A 32 -5.86 2.77 -1.38
N ASN A 33 -5.56 3.20 -2.62
CA ASN A 33 -5.83 2.32 -3.73
C ASN A 33 -4.62 1.42 -4.05
N ALA A 34 -4.85 0.11 -4.01
CA ALA A 34 -3.80 -0.90 -3.89
C ALA A 34 -2.83 -0.99 -5.07
N GLU A 35 -3.32 -0.95 -6.30
CA GLU A 35 -2.46 -1.13 -7.42
C GLU A 35 -1.52 0.02 -7.57
N PHE A 36 -2.09 1.17 -7.38
CA PHE A 36 -1.36 2.41 -7.40
C PHE A 36 -0.39 2.44 -6.23
N ALA A 37 -0.76 1.73 -5.19
CA ALA A 37 0.00 1.69 -3.98
C ALA A 37 1.31 0.97 -4.19
N ALA A 38 1.22 -0.19 -4.78
CA ALA A 38 2.37 -1.00 -5.09
C ALA A 38 3.35 -0.22 -5.92
N SER A 39 2.84 0.45 -6.94
CA SER A 39 3.68 1.11 -7.89
C SER A 39 4.32 2.30 -7.23
N LEU A 40 3.64 2.78 -6.19
CA LEU A 40 4.10 3.88 -5.45
C LEU A 40 5.10 3.43 -4.42
N LEU A 41 4.82 2.32 -3.74
CA LEU A 41 5.71 1.87 -2.72
C LEU A 41 6.98 1.37 -3.38
N PHE A 42 6.82 0.91 -4.62
CA PHE A 42 7.89 0.40 -5.45
C PHE A 42 9.06 1.39 -5.53
N GLN A 43 8.80 2.66 -5.17
CA GLN A 43 9.83 3.69 -5.10
C GLN A 43 11.01 3.20 -4.27
N SER A 44 10.68 2.36 -3.31
CA SER A 44 11.64 1.75 -2.40
C SER A 44 12.25 2.82 -1.49
#